data_8WU6
#
_entry.id   8WU6
#
_cell.length_a   42.370
_cell.length_b   125.370
_cell.length_c   52.990
_cell.angle_alpha   90.00
_cell.angle_beta   110.09
_cell.angle_gamma   90.00
#
_symmetry.space_group_name_H-M   'P 1 21 1'
#
loop_
_entity.id
_entity.type
_entity.pdbx_description
1 polymer 'Nerylneryl diphosphate synthase CPT2, chloroplastic'
2 water water
#
_entity_poly.entity_id   1
_entity_poly.type   'polypeptide(L)'
_entity_poly.pdbx_seq_one_letter_code
;HHHHHHMNSSIVSQHFFISLKSSLDLQCWKSSSPSSISMGEFKGIHDKLQILKLPLTMSDRGLSKISCSLSLQTEKLRYD
NDDNDDLELHEELIPKHIALIMDGNRRWAKAKGLEVYEGHKLIIPKLKEICDISSKLGIQVITAFAFSTENWKRSKEEVD
FLMQLFEEFFNEFLRFGVRVSVIGCKSNLPMTLQKCIALTEETTKGNKGLHLVIALNYGGYYDILQATKSIVNKAMNGLL
DVEDINKNLFEQELESKCPNPDLLIRTGGEQRVSNFLLWQLAYTEFYFTNTLFPDFGEKDLKKAILNFQQRHRRFGGHTY
;
_entity_poly.pdbx_strand_id   A,B
#
# COMPACT_ATOMS: atom_id res chain seq x y z
N LEU A 93 -2.44 -0.48 -24.31
CA LEU A 93 -1.93 -0.32 -22.95
C LEU A 93 -2.34 0.98 -22.29
N ILE A 94 -3.63 1.29 -22.24
CA ILE A 94 -4.14 2.46 -21.53
C ILE A 94 -4.60 2.02 -20.13
N PRO A 95 -4.18 2.70 -19.06
CA PRO A 95 -4.72 2.35 -17.74
C PRO A 95 -6.21 2.63 -17.66
N HIS A 97 -8.03 2.53 -14.83
CA HIS A 97 -8.37 3.18 -13.59
C HIS A 97 -7.12 3.87 -13.07
N ILE A 98 -7.17 5.20 -12.97
CA ILE A 98 -6.08 5.96 -12.38
C ILE A 98 -6.54 6.47 -11.02
N ALA A 99 -5.70 6.26 -10.01
CA ALA A 99 -5.88 6.86 -8.69
C ALA A 99 -4.99 8.09 -8.61
N LEU A 100 -5.52 9.17 -8.03
CA LEU A 100 -4.84 10.47 -8.07
C LEU A 100 -4.76 11.05 -6.65
N ILE A 101 -3.54 11.29 -6.15
CA ILE A 101 -3.33 12.07 -4.92
C ILE A 101 -2.90 13.47 -5.36
N MET A 102 -3.74 14.48 -5.06
CA MET A 102 -3.64 15.82 -5.65
C MET A 102 -2.89 16.78 -4.73
N ASP A 103 -1.65 16.47 -4.45
CA ASP A 103 -0.85 17.21 -3.50
C ASP A 103 -0.10 18.36 -4.18
N GLY A 104 0.21 19.39 -3.38
CA GLY A 104 0.99 20.52 -3.86
C GLY A 104 0.20 21.82 -3.97
N ASN A 105 -1.09 21.81 -3.63
CA ASN A 105 -1.90 23.03 -3.79
C ASN A 105 -1.42 24.17 -2.89
N ARG A 106 -1.01 23.86 -1.65
CA ARG A 106 -0.56 24.90 -0.74
C ARG A 106 0.74 25.52 -1.22
N ARG A 107 1.71 24.67 -1.56
CA ARG A 107 3.00 25.14 -2.03
C ARG A 107 2.86 25.95 -3.30
N TRP A 108 1.96 25.52 -4.19
CA TRP A 108 1.76 26.24 -5.44
C TRP A 108 1.28 27.65 -5.18
N ALA A 109 0.32 27.82 -4.28
CA ALA A 109 -0.20 29.15 -3.98
C ALA A 109 0.84 30.02 -3.29
N LYS A 110 1.56 29.46 -2.30
CA LYS A 110 2.56 30.22 -1.58
C LYS A 110 3.69 30.69 -2.50
N ALA A 111 4.12 29.84 -3.43
CA ALA A 111 5.18 30.25 -4.35
C ALA A 111 4.73 31.38 -5.25
N LYS A 112 3.43 31.49 -5.51
CA LYS A 112 2.89 32.52 -6.40
C LYS A 112 2.48 33.79 -5.67
N GLY A 113 2.55 33.81 -4.34
CA GLY A 113 2.15 34.99 -3.59
C GLY A 113 0.68 35.08 -3.26
N LEU A 114 -0.04 33.96 -3.30
CA LEU A 114 -1.48 33.94 -3.05
C LEU A 114 -1.78 33.32 -1.69
N GLU A 115 -3.03 33.44 -1.26
CA GLU A 115 -3.42 32.80 -0.02
C GLU A 115 -3.59 31.30 -0.25
N VAL A 116 -3.59 30.56 0.86
CA VAL A 116 -3.60 29.10 0.81
C VAL A 116 -4.80 28.59 0.01
N TYR A 117 -5.94 29.23 0.18
CA TYR A 117 -7.18 28.69 -0.43
C TYR A 117 -7.17 28.85 -1.97
N GLU A 118 -6.24 29.62 -2.51
CA GLU A 118 -6.27 29.86 -3.97
C GLU A 118 -5.94 28.58 -4.73
N GLY A 119 -5.07 27.74 -4.17
CA GLY A 119 -4.75 26.47 -4.84
C GLY A 119 -5.85 25.45 -4.62
N HIS A 120 -6.36 25.35 -3.39
CA HIS A 120 -7.46 24.41 -3.16
C HIS A 120 -8.60 24.63 -4.14
N LYS A 121 -8.90 25.88 -4.36
CA LYS A 121 -10.03 26.34 -5.11
C LYS A 121 -10.02 25.73 -6.52
N LEU A 122 -8.83 25.49 -7.08
CA LEU A 122 -8.61 24.94 -8.43
C LEU A 122 -9.01 23.47 -8.57
N ILE A 123 -9.37 22.78 -7.47
CA ILE A 123 -9.82 21.39 -7.60
C ILE A 123 -10.93 21.28 -8.64
N ILE A 124 -11.80 22.28 -8.72
CA ILE A 124 -12.94 22.17 -9.62
C ILE A 124 -12.48 22.29 -11.08
N PRO A 125 -11.82 23.38 -11.52
CA PRO A 125 -11.41 23.42 -12.93
C PRO A 125 -10.38 22.37 -13.30
N LYS A 126 -9.50 21.99 -12.36
CA LYS A 126 -8.48 20.99 -12.64
C LYS A 126 -9.09 19.60 -12.86
N LEU A 127 -10.07 19.22 -12.05
CA LEU A 127 -10.68 17.92 -12.26
C LEU A 127 -11.55 17.92 -13.51
N LYS A 128 -12.16 19.06 -13.86
CA LYS A 128 -12.84 19.13 -15.15
C LYS A 128 -11.84 18.96 -16.29
N GLU A 129 -10.69 19.64 -16.20
CA GLU A 129 -9.64 19.51 -17.21
C GLU A 129 -9.14 18.07 -17.34
N ILE A 130 -8.89 17.41 -16.21
CA ILE A 130 -8.35 16.05 -16.21
C ILE A 130 -9.40 15.04 -16.68
N CYS A 131 -10.68 15.27 -16.33
CA CYS A 131 -11.73 14.40 -16.85
C CYS A 131 -11.81 14.48 -18.37
N ASP A 132 -11.71 15.68 -18.94
CA ASP A 132 -11.78 15.83 -20.40
C ASP A 132 -10.63 15.11 -21.09
N ILE A 133 -9.40 15.33 -20.60
CA ILE A 133 -8.24 14.66 -21.18
C ILE A 133 -8.37 13.14 -21.07
N SER A 134 -8.78 12.66 -19.88
CA SER A 134 -8.83 11.21 -19.64
C SER A 134 -9.88 10.50 -20.45
N SER A 135 -11.01 11.16 -20.68
CA SER A 135 -12.06 10.58 -21.55
C SER A 135 -11.50 10.41 -22.97
N LYS A 136 -10.73 11.37 -23.46
CA LYS A 136 -10.19 11.31 -24.84
C LYS A 136 -9.23 10.13 -24.97
N LEU A 137 -8.48 9.85 -23.91
CA LEU A 137 -7.47 8.76 -23.97
C LEU A 137 -8.14 7.41 -23.66
N GLY A 138 -9.41 7.40 -23.24
CA GLY A 138 -10.02 6.11 -22.97
C GLY A 138 -9.85 5.55 -21.58
N ILE A 139 -9.61 6.39 -20.57
CA ILE A 139 -9.20 5.95 -19.23
C ILE A 139 -10.24 4.97 -18.68
N GLN A 140 -11.36 5.45 -18.11
CA GLN A 140 -12.54 4.71 -17.61
C GLN A 140 -12.96 5.13 -16.20
N VAL A 141 -12.02 5.11 -15.24
CA VAL A 141 -12.26 5.47 -13.85
C VAL A 141 -11.13 6.33 -13.35
N ILE A 142 -11.46 7.38 -12.62
CA ILE A 142 -10.49 8.17 -11.86
C ILE A 142 -10.98 8.23 -10.42
N THR A 143 -10.11 7.87 -9.46
CA THR A 143 -10.42 8.05 -8.05
C THR A 143 -9.47 9.12 -7.51
N ALA A 144 -10.02 10.22 -7.01
CA ALA A 144 -9.24 11.38 -6.58
C ALA A 144 -9.36 11.56 -5.07
N PHE A 145 -8.21 11.70 -4.38
CA PHE A 145 -8.16 11.78 -2.91
C PHE A 145 -8.40 13.22 -2.52
N ALA A 146 -9.66 13.57 -2.20
CA ALA A 146 -9.99 14.96 -1.92
C ALA A 146 -9.82 15.33 -0.46
N PHE A 147 -10.09 14.42 0.47
CA PHE A 147 -10.05 14.78 1.90
C PHE A 147 -9.82 13.51 2.72
N SER A 148 -8.67 13.41 3.38
CA SER A 148 -8.37 12.23 4.17
C SER A 148 -9.01 12.28 5.55
N THR A 149 -9.20 11.11 6.15
CA THR A 149 -9.70 11.09 7.52
C THR A 149 -8.77 11.83 8.49
N GLU A 150 -7.52 12.08 8.10
CA GLU A 150 -6.58 12.85 8.91
C GLU A 150 -6.68 14.36 8.66
N ASN A 151 -7.34 14.78 7.57
CA ASN A 151 -7.43 16.20 7.23
C ASN A 151 -8.28 17.00 8.21
N TRP A 152 -9.03 16.35 9.09
CA TRP A 152 -9.77 17.08 10.11
C TRP A 152 -8.86 17.78 11.11
N LYS A 153 -7.59 17.40 11.19
CA LYS A 153 -6.64 17.96 12.15
C LYS A 153 -6.11 19.34 11.72
N ARG A 154 -6.37 19.75 10.48
CA ARG A 154 -6.07 21.10 10.05
C ARG A 154 -6.96 22.12 10.78
N SER A 155 -6.66 23.40 10.56
CA SER A 155 -7.39 24.46 11.26
C SER A 155 -8.87 24.42 10.89
N LYS A 156 -9.71 24.84 11.84
CA LYS A 156 -11.15 24.85 11.57
C LYS A 156 -11.49 25.76 10.40
N GLU A 157 -10.72 26.85 10.23
CA GLU A 157 -10.96 27.75 9.10
C GLU A 157 -10.66 27.05 7.77
N GLU A 158 -9.56 26.30 7.69
CA GLU A 158 -9.26 25.58 6.45
C GLU A 158 -10.26 24.45 6.21
N VAL A 159 -10.64 23.71 7.26
CA VAL A 159 -11.60 22.61 7.07
C VAL A 159 -12.94 23.17 6.63
N ASP A 160 -13.38 24.27 7.24
CA ASP A 160 -14.65 24.87 6.87
C ASP A 160 -14.63 25.36 5.42
N PHE A 161 -13.49 25.90 4.98
CA PHE A 161 -13.38 26.32 3.58
C PHE A 161 -13.50 25.12 2.65
N LEU A 162 -12.77 24.05 2.97
CA LEU A 162 -12.80 22.85 2.12
C LEU A 162 -14.21 22.27 2.04
N MET A 163 -14.93 22.24 3.15
CA MET A 163 -16.27 21.65 3.12
C MET A 163 -17.21 22.49 2.27
N GLN A 164 -17.08 23.81 2.33
CA GLN A 164 -17.87 24.66 1.44
C GLN A 164 -17.43 24.48 -0.01
N LEU A 165 -16.11 24.36 -0.24
CA LEU A 165 -15.59 24.11 -1.58
C LEU A 165 -16.13 22.80 -2.15
N PHE A 166 -16.20 21.76 -1.33
CA PHE A 166 -16.71 20.47 -1.81
C PHE A 166 -18.18 20.58 -2.22
N GLU A 167 -18.96 21.35 -1.45
CA GLU A 167 -20.35 21.60 -1.84
C GLU A 167 -20.43 22.26 -3.21
N GLU A 168 -19.60 23.28 -3.46
CA GLU A 168 -19.56 23.90 -4.77
C GLU A 168 -19.15 22.90 -5.85
N PHE A 169 -18.19 22.01 -5.53
CA PHE A 169 -17.77 20.99 -6.48
C PHE A 169 -18.94 20.11 -6.90
N PHE A 170 -19.72 19.62 -5.94
CA PHE A 170 -20.79 18.69 -6.32
C PHE A 170 -21.88 19.42 -7.09
N ASN A 171 -22.10 20.69 -6.77
CA ASN A 171 -23.06 21.49 -7.52
C ASN A 171 -22.59 21.71 -8.96
N GLU A 172 -21.29 21.97 -9.15
CA GLU A 172 -20.73 22.20 -10.48
C GLU A 172 -20.73 20.94 -11.35
N PHE A 173 -20.62 19.75 -10.74
CA PHE A 173 -20.58 18.52 -11.53
C PHE A 173 -21.96 17.98 -11.75
N LEU A 174 -23.00 18.64 -11.28
CA LEU A 174 -24.38 18.17 -11.56
C LEU A 174 -24.63 18.05 -13.07
N ARG A 175 -24.18 19.02 -13.87
CA ARG A 175 -24.49 18.98 -15.32
C ARG A 175 -23.22 18.80 -16.13
N PHE A 176 -22.15 18.31 -15.50
CA PHE A 176 -20.90 18.27 -16.25
C PHE A 176 -20.85 17.09 -17.23
N GLY A 177 -21.60 16.05 -16.93
CA GLY A 177 -21.73 14.93 -17.85
C GLY A 177 -20.95 13.69 -17.48
N VAL A 178 -20.12 13.72 -16.45
CA VAL A 178 -19.44 12.49 -16.01
C VAL A 178 -20.23 11.89 -14.85
N ARG A 179 -20.08 10.59 -14.67
CA ARG A 179 -20.69 9.91 -13.54
C ARG A 179 -19.85 10.17 -12.31
N VAL A 180 -20.48 10.57 -11.21
CA VAL A 180 -19.78 10.94 -9.98
C VAL A 180 -20.24 10.06 -8.82
N SER A 181 -19.27 9.51 -8.09
CA SER A 181 -19.53 8.74 -6.87
C SER A 181 -18.63 9.26 -5.75
N VAL A 182 -19.02 8.99 -4.51
CA VAL A 182 -18.23 9.41 -3.37
C VAL A 182 -17.98 8.20 -2.48
N ILE A 183 -16.75 8.06 -2.01
CA ILE A 183 -16.42 7.05 -1.01
C ILE A 183 -15.88 7.76 0.22
N GLY A 184 -16.16 7.21 1.39
CA GLY A 184 -15.78 7.85 2.63
C GLY A 184 -16.95 7.91 3.58
N CYS A 185 -16.68 8.40 4.78
CA CYS A 185 -17.70 8.43 5.83
C CYS A 185 -18.50 9.73 5.68
N LYS A 186 -19.72 9.62 5.18
CA LYS A 186 -20.49 10.82 4.87
C LYS A 186 -21.22 11.37 6.09
N SER A 187 -21.48 10.55 7.10
CA SER A 187 -22.29 11.00 8.24
C SER A 187 -21.58 12.04 9.10
N ASN A 188 -20.27 12.19 8.99
CA ASN A 188 -19.51 13.18 9.74
C ASN A 188 -19.42 14.53 9.02
N LEU A 189 -19.97 14.64 7.79
CA LEU A 189 -19.93 15.85 6.99
C LEU A 189 -21.11 16.77 7.31
N PRO A 190 -20.99 18.07 7.05
CA PRO A 190 -22.14 18.97 7.19
C PRO A 190 -23.34 18.45 6.40
N MET A 191 -24.54 18.68 6.94
CA MET A 191 -25.75 18.13 6.32
C MET A 191 -25.95 18.64 4.89
N THR A 192 -25.66 19.92 4.63
CA THR A 192 -25.83 20.40 3.26
C THR A 192 -24.93 19.65 2.29
N LEU A 193 -23.68 19.37 2.71
CA LEU A 193 -22.79 18.59 1.86
C LEU A 193 -23.29 17.16 1.67
N GLN A 194 -23.80 16.54 2.73
CA GLN A 194 -24.38 15.20 2.60
C GLN A 194 -25.47 15.17 1.54
N LYS A 195 -26.35 16.16 1.54
CA LYS A 195 -27.45 16.16 0.59
C LYS A 195 -26.98 16.53 -0.81
N CYS A 196 -25.97 17.42 -0.95
CA CYS A 196 -25.40 17.67 -2.28
C CYS A 196 -24.74 16.43 -2.86
N ILE A 197 -24.00 15.68 -2.04
CA ILE A 197 -23.44 14.43 -2.52
C ILE A 197 -24.54 13.49 -3.01
N ALA A 198 -25.59 13.31 -2.20
CA ALA A 198 -26.64 12.38 -2.58
C ALA A 198 -27.30 12.80 -3.89
N LEU A 199 -27.53 14.11 -4.06
CA LEU A 199 -28.14 14.60 -5.30
C LEU A 199 -27.24 14.38 -6.51
N THR A 200 -25.93 14.67 -6.38
CA THR A 200 -25.07 14.53 -7.56
C THR A 200 -24.87 13.08 -7.93
N GLU A 201 -24.77 12.20 -6.93
CA GLU A 201 -24.67 10.76 -7.20
C GLU A 201 -25.90 10.27 -7.95
N GLU A 202 -27.11 10.65 -7.48
CA GLU A 202 -28.34 10.22 -8.13
C GLU A 202 -28.49 10.86 -9.52
N THR A 203 -28.16 12.14 -9.66
CA THR A 203 -28.34 12.84 -10.93
C THR A 203 -27.40 12.30 -12.01
N THR A 204 -26.16 11.96 -11.65
CA THR A 204 -25.18 11.55 -12.65
C THR A 204 -25.07 10.04 -12.83
N LYS A 205 -25.87 9.25 -12.11
CA LYS A 205 -25.64 7.81 -12.07
C LYS A 205 -25.83 7.14 -13.43
N GLY A 206 -26.54 7.78 -14.35
CA GLY A 206 -26.73 7.26 -15.70
C GLY A 206 -25.83 7.88 -16.74
N ASN A 207 -24.89 8.74 -16.35
CA ASN A 207 -24.00 9.33 -17.32
C ASN A 207 -23.02 8.29 -17.84
N LYS A 208 -22.75 8.36 -19.12
CA LYS A 208 -22.07 7.27 -19.77
C LYS A 208 -20.60 7.62 -19.89
N GLY A 209 -19.75 6.60 -19.79
CA GLY A 209 -18.32 6.78 -19.97
C GLY A 209 -17.59 6.93 -18.65
N LEU A 210 -16.74 7.95 -18.55
CA LEU A 210 -15.83 8.09 -17.42
C LEU A 210 -16.57 8.17 -16.08
N HIS A 211 -16.04 7.46 -15.08
CA HIS A 211 -16.60 7.47 -13.73
C HIS A 211 -15.58 8.16 -12.84
N LEU A 212 -15.98 9.29 -12.23
CA LEU A 212 -15.11 10.03 -11.30
C LEU A 212 -15.53 9.69 -9.87
N VAL A 213 -14.61 9.11 -9.10
CA VAL A 213 -14.86 8.74 -7.71
C VAL A 213 -14.10 9.70 -6.82
N ILE A 214 -14.82 10.38 -5.93
CA ILE A 214 -14.20 11.33 -5.01
C ILE A 214 -14.11 10.67 -3.63
N ALA A 215 -12.88 10.56 -3.13
CA ALA A 215 -12.65 10.03 -1.81
C ALA A 215 -12.63 11.21 -0.84
N LEU A 216 -13.67 11.29 -0.01
CA LEU A 216 -13.91 12.45 0.82
C LEU A 216 -14.22 11.94 2.22
N ASN A 217 -13.36 12.31 3.19
CA ASN A 217 -13.40 11.75 4.55
C ASN A 217 -13.19 10.24 4.45
N TYR A 218 -12.18 9.87 3.67
CA TYR A 218 -11.89 8.49 3.35
C TYR A 218 -10.48 8.15 3.82
N GLY A 219 -10.26 6.90 4.21
CA GLY A 219 -8.90 6.43 4.39
C GLY A 219 -8.91 4.93 4.17
N GLY A 220 -7.72 4.38 3.86
CA GLY A 220 -7.61 2.94 3.66
C GLY A 220 -7.99 2.13 4.89
N TYR A 221 -7.52 2.55 6.07
CA TYR A 221 -7.94 1.89 7.32
C TYR A 221 -9.44 1.88 7.45
N TYR A 222 -10.07 3.04 7.24
CA TYR A 222 -11.53 3.17 7.36
C TYR A 222 -12.25 2.17 6.45
N ASP A 223 -11.80 2.05 5.21
CA ASP A 223 -12.45 1.19 4.22
C ASP A 223 -12.35 -0.27 4.64
N ILE A 224 -11.16 -0.70 5.05
CA ILE A 224 -10.96 -2.07 5.51
C ILE A 224 -11.77 -2.35 6.78
N LEU A 225 -11.80 -1.41 7.72
CA LEU A 225 -12.55 -1.63 8.96
C LEU A 225 -14.05 -1.68 8.72
N GLN A 226 -14.58 -0.80 7.86
CA GLN A 226 -16.03 -0.87 7.63
C GLN A 226 -16.42 -2.16 6.90
N ALA A 227 -15.54 -2.65 6.02
CA ALA A 227 -15.79 -3.93 5.36
C ALA A 227 -15.77 -5.06 6.38
N THR A 228 -14.81 -5.01 7.31
CA THR A 228 -14.75 -6.01 8.38
C THR A 228 -16.02 -5.98 9.24
N LYS A 229 -16.47 -4.78 9.65
CA LYS A 229 -17.67 -4.70 10.48
C LYS A 229 -18.89 -5.24 9.75
N SER A 230 -19.01 -4.95 8.46
CA SER A 230 -20.09 -5.46 7.65
C SER A 230 -20.09 -6.99 7.58
N ILE A 231 -18.91 -7.56 7.40
CA ILE A 231 -18.77 -9.01 7.30
C ILE A 231 -19.12 -9.66 8.64
N VAL A 232 -18.65 -9.06 9.75
CA VAL A 232 -19.03 -9.56 11.08
C VAL A 232 -20.55 -9.55 11.25
N ASN A 233 -21.19 -8.45 10.85
CA ASN A 233 -22.63 -8.33 11.01
C ASN A 233 -23.37 -9.40 10.21
N LYS A 234 -22.93 -9.66 8.97
CA LYS A 234 -23.55 -10.71 8.16
C LYS A 234 -23.37 -12.09 8.80
N ALA A 235 -22.17 -12.41 9.30
CA ALA A 235 -21.96 -13.68 9.99
C ALA A 235 -22.84 -13.81 11.23
N MET A 236 -22.97 -12.73 12.01
CA MET A 236 -23.77 -12.80 13.23
C MET A 236 -25.27 -12.96 12.95
N ASN A 237 -25.70 -12.56 11.75
CA ASN A 237 -27.08 -12.73 11.33
C ASN A 237 -27.30 -14.00 10.50
N GLY A 238 -26.31 -14.89 10.44
CA GLY A 238 -26.52 -16.12 9.72
C GLY A 238 -26.49 -16.03 8.20
N LEU A 239 -25.94 -14.94 7.64
CA LEU A 239 -25.93 -14.76 6.18
C LEU A 239 -24.63 -15.20 5.50
N LEU A 240 -23.61 -15.50 6.28
CA LEU A 240 -22.37 -16.00 5.63
C LEU A 240 -21.56 -16.87 6.57
N ASP A 241 -20.74 -17.73 5.98
CA ASP A 241 -19.83 -18.60 6.75
C ASP A 241 -18.44 -17.99 6.75
N VAL A 242 -17.68 -18.22 7.82
CA VAL A 242 -16.30 -17.67 7.92
C VAL A 242 -15.46 -18.18 6.74
N GLU A 243 -15.76 -19.37 6.23
CA GLU A 243 -14.99 -19.99 5.14
C GLU A 243 -15.27 -19.29 3.82
N ASP A 244 -16.39 -18.59 3.73
CA ASP A 244 -16.69 -17.83 2.51
C ASP A 244 -15.92 -16.50 2.49
N ILE A 245 -15.20 -16.18 3.57
CA ILE A 245 -14.53 -14.89 3.59
C ILE A 245 -13.25 -15.05 2.78
N ASN A 246 -13.22 -14.50 1.58
CA ASN A 246 -12.08 -14.60 0.69
C ASN A 246 -11.96 -13.27 -0.02
N LYS A 247 -10.98 -13.16 -0.93
CA LYS A 247 -10.73 -11.89 -1.59
C LYS A 247 -11.98 -11.39 -2.31
N ASN A 248 -12.71 -12.29 -3.00
CA ASN A 248 -13.90 -11.87 -3.74
C ASN A 248 -14.95 -11.27 -2.82
N LEU A 249 -15.27 -11.95 -1.73
CA LEU A 249 -16.25 -11.43 -0.80
C LEU A 249 -15.79 -10.11 -0.20
N PHE A 250 -14.52 -10.06 0.21
CA PHE A 250 -14.04 -8.85 0.86
C PHE A 250 -14.05 -7.66 -0.08
N GLU A 251 -13.59 -7.86 -1.33
CA GLU A 251 -13.61 -6.72 -2.25
C GLU A 251 -15.00 -6.21 -2.57
N GLN A 252 -16.04 -7.04 -2.43
CA GLN A 252 -17.41 -6.59 -2.61
C GLN A 252 -17.88 -5.69 -1.47
N GLU A 253 -17.25 -5.79 -0.29
CA GLU A 253 -17.66 -4.99 0.86
C GLU A 253 -16.90 -3.66 0.93
N LEU A 254 -15.75 -3.56 0.26
CA LEU A 254 -14.98 -2.33 0.24
C LEU A 254 -15.72 -1.25 -0.56
N GLU A 255 -15.41 0.01 -0.24
CA GLU A 255 -16.11 1.11 -0.91
C GLU A 255 -15.52 1.40 -2.30
N SER A 256 -14.21 1.30 -2.46
CA SER A 256 -13.56 1.42 -3.76
C SER A 256 -13.57 0.03 -4.42
N LYS A 257 -14.26 -0.04 -5.55
CA LYS A 257 -14.52 -1.34 -6.18
C LYS A 257 -13.60 -1.71 -7.35
N CYS A 258 -13.59 -3.01 -7.66
CA CYS A 258 -12.85 -3.46 -8.85
C CYS A 258 -13.53 -2.88 -10.08
N PRO A 259 -12.79 -2.47 -11.13
CA PRO A 259 -11.39 -2.80 -11.28
C PRO A 259 -10.49 -1.86 -10.45
N ASN A 260 -9.46 -2.43 -9.81
CA ASN A 260 -8.62 -1.61 -8.94
C ASN A 260 -7.71 -0.73 -9.80
N PRO A 261 -7.13 0.32 -9.23
CA PRO A 261 -6.29 1.23 -10.06
C PRO A 261 -5.13 0.49 -10.69
N ASP A 262 -4.93 0.74 -11.98
CA ASP A 262 -3.77 0.26 -12.73
C ASP A 262 -2.57 1.16 -12.48
N LEU A 263 -2.83 2.44 -12.23
CA LEU A 263 -1.81 3.46 -12.09
C LEU A 263 -2.20 4.42 -10.99
N LEU A 264 -1.28 4.71 -10.07
CA LEU A 264 -1.47 5.77 -9.09
C LEU A 264 -0.54 6.92 -9.45
N ILE A 265 -1.08 8.13 -9.50
CA ILE A 265 -0.29 9.34 -9.75
C ILE A 265 -0.36 10.21 -8.51
N ARG A 266 0.79 10.54 -7.94
CA ARG A 266 0.83 11.49 -6.83
C ARG A 266 1.69 12.68 -7.23
N THR A 267 1.09 13.87 -7.22
CA THR A 267 1.80 15.11 -7.49
C THR A 267 2.41 15.64 -6.19
N GLY A 268 3.34 16.57 -6.32
CA GLY A 268 3.89 17.25 -5.16
C GLY A 268 5.16 16.66 -4.60
N GLY A 269 5.62 15.52 -5.10
CA GLY A 269 6.96 15.04 -4.77
C GLY A 269 7.06 14.00 -3.68
N GLU A 270 6.01 13.79 -2.87
CA GLU A 270 6.09 12.77 -1.83
C GLU A 270 5.88 11.39 -2.43
N GLN A 271 6.62 10.41 -1.89
CA GLN A 271 6.62 9.05 -2.44
C GLN A 271 6.03 8.12 -1.39
N ARG A 272 4.75 8.36 -1.04
CA ARG A 272 4.02 7.53 -0.09
C ARG A 272 2.57 7.57 -0.53
N VAL A 273 1.73 6.70 0.05
CA VAL A 273 0.33 6.67 -0.35
C VAL A 273 -0.58 7.30 0.69
N SER A 274 -0.08 7.58 1.89
CA SER A 274 -0.75 8.40 2.90
C SER A 274 -2.16 7.90 3.20
N ASN A 275 -2.29 6.60 3.41
CA ASN A 275 -3.56 6.00 3.84
C ASN A 275 -4.71 6.23 2.85
N PHE A 276 -4.40 6.17 1.55
CA PHE A 276 -5.39 6.18 0.46
C PHE A 276 -5.91 4.75 0.27
N LEU A 277 -5.96 4.20 -0.93
CA LEU A 277 -6.66 2.94 -1.25
C LEU A 277 -5.83 1.66 -0.99
N LEU A 278 -5.61 1.34 0.30
CA LEU A 278 -4.57 0.38 0.69
C LEU A 278 -4.76 -1.00 0.05
N TRP A 279 -5.93 -1.61 0.26
CA TRP A 279 -6.18 -2.93 -0.33
C TRP A 279 -6.11 -2.86 -1.85
N GLN A 280 -6.66 -1.79 -2.41
CA GLN A 280 -6.85 -1.69 -3.86
C GLN A 280 -5.56 -1.38 -4.60
N LEU A 281 -4.49 -1.04 -3.89
CA LEU A 281 -3.21 -0.68 -4.54
C LEU A 281 -2.22 -1.83 -4.60
N ALA A 282 -2.67 -3.07 -4.34
CA ALA A 282 -1.74 -4.20 -4.19
C ALA A 282 -0.87 -4.43 -5.43
N TYR A 283 -1.38 -4.18 -6.65
CA TYR A 283 -0.61 -4.42 -7.87
C TYR A 283 -0.49 -3.18 -8.73
N THR A 284 -0.87 -2.02 -8.20
CA THR A 284 -0.90 -0.76 -8.94
C THR A 284 0.52 -0.26 -9.21
N GLU A 285 0.72 0.32 -10.40
CA GLU A 285 1.97 1.01 -10.69
C GLU A 285 2.03 2.37 -10.00
N PHE A 286 3.12 2.66 -9.30
CA PHE A 286 3.28 3.94 -8.61
C PHE A 286 4.05 4.93 -9.47
N TYR A 287 3.45 6.09 -9.70
CA TYR A 287 4.10 7.18 -10.46
C TYR A 287 4.09 8.44 -9.60
N PHE A 288 5.28 8.90 -9.24
CA PHE A 288 5.46 10.08 -8.41
C PHE A 288 6.12 11.18 -9.24
N THR A 289 5.59 12.40 -9.14
CA THR A 289 6.16 13.54 -9.85
C THR A 289 6.26 14.74 -8.93
N ASN A 290 7.33 15.54 -9.08
CA ASN A 290 7.44 16.78 -8.31
C ASN A 290 6.48 17.85 -8.79
N THR A 291 5.92 17.73 -9.99
CA THR A 291 4.94 18.69 -10.48
C THR A 291 3.84 18.90 -9.45
N LEU A 292 3.52 20.17 -9.18
CA LEU A 292 2.46 20.50 -8.24
C LEU A 292 1.09 20.34 -8.92
N PHE A 293 0.09 19.94 -8.16
CA PHE A 293 -1.21 19.61 -8.79
C PHE A 293 -1.75 20.72 -9.68
N PRO A 294 -1.72 22.01 -9.30
CA PRO A 294 -2.29 23.03 -10.20
C PRO A 294 -1.57 23.14 -11.53
N ASP A 295 -0.35 22.64 -11.64
CA ASP A 295 0.42 22.63 -12.87
C ASP A 295 0.31 21.32 -13.63
N PHE A 296 -0.42 20.33 -13.10
CA PHE A 296 -0.49 19.03 -13.73
C PHE A 296 -1.51 19.07 -14.87
N GLY A 297 -1.03 18.95 -16.10
CA GLY A 297 -1.91 19.06 -17.24
C GLY A 297 -1.76 17.93 -18.25
N GLU A 298 -2.24 18.16 -19.48
CA GLU A 298 -2.27 17.10 -20.48
C GLU A 298 -0.89 16.51 -20.74
N LYS A 299 0.13 17.36 -20.84
CA LYS A 299 1.45 16.82 -21.17
C LYS A 299 2.01 16.00 -20.01
N ASP A 300 1.68 16.38 -18.78
CA ASP A 300 2.10 15.62 -17.60
C ASP A 300 1.38 14.28 -17.50
N LEU A 301 0.09 14.26 -17.81
CA LEU A 301 -0.64 12.99 -17.78
C LEU A 301 -0.18 12.05 -18.89
N LYS A 302 0.10 12.60 -20.08
CA LYS A 302 0.57 11.75 -21.16
C LYS A 302 1.93 11.14 -20.84
N LYS A 303 2.79 11.91 -20.16
CA LYS A 303 4.07 11.38 -19.71
C LYS A 303 3.88 10.22 -18.73
N ALA A 304 2.96 10.37 -17.79
CA ALA A 304 2.70 9.28 -16.84
C ALA A 304 2.20 8.04 -17.56
N ILE A 305 1.31 8.20 -18.54
CA ILE A 305 0.82 7.06 -19.31
C ILE A 305 1.95 6.43 -20.14
N LEU A 306 2.80 7.26 -20.75
CA LEU A 306 3.93 6.70 -21.49
C LEU A 306 4.84 5.91 -20.56
N ASN A 307 5.09 6.43 -19.36
CA ASN A 307 5.94 5.70 -18.42
C ASN A 307 5.28 4.39 -18.00
N PHE A 308 3.96 4.42 -17.75
CA PHE A 308 3.21 3.20 -17.47
C PHE A 308 3.36 2.17 -18.59
N GLN A 309 3.29 2.61 -19.85
CA GLN A 309 3.42 1.68 -20.98
C GLN A 309 4.81 1.09 -21.07
N GLN A 310 5.85 1.91 -20.87
CA GLN A 310 7.22 1.41 -20.90
C GLN A 310 7.46 0.40 -19.80
N ARG A 311 6.97 0.69 -18.59
CA ARG A 311 7.12 -0.25 -17.48
C ARG A 311 6.41 -1.57 -17.77
N HIS A 312 5.24 -1.51 -18.41
CA HIS A 312 4.51 -2.73 -18.72
C HIS A 312 5.28 -3.62 -19.69
N ARG A 313 5.90 -3.03 -20.71
CA ARG A 313 6.72 -3.81 -21.63
C ARG A 313 7.96 -4.37 -20.94
N ARG A 314 8.49 -3.63 -19.96
CA ARG A 314 9.73 -4.07 -19.32
C ARG A 314 9.48 -5.25 -18.40
N PHE A 315 8.40 -5.20 -17.63
CA PHE A 315 8.11 -6.24 -16.63
C PHE A 315 6.83 -7.00 -16.97
N GLU B 88 27.57 9.68 4.68
CA GLU B 88 27.34 9.88 6.11
C GLU B 88 25.85 10.03 6.39
N LEU B 89 25.40 9.41 7.49
CA LEU B 89 24.00 9.43 7.88
C LEU B 89 23.84 10.15 9.21
N HIS B 90 22.68 10.76 9.39
CA HIS B 90 22.27 11.35 10.66
C HIS B 90 21.74 10.24 11.56
N GLU B 91 22.32 10.09 12.76
CA GLU B 91 21.96 8.99 13.64
C GLU B 91 20.50 9.04 14.07
N GLU B 92 19.92 10.24 14.17
CA GLU B 92 18.57 10.41 14.67
C GLU B 92 17.49 10.12 13.63
N LEU B 93 17.84 10.03 12.35
CA LEU B 93 16.85 9.80 11.29
C LEU B 93 17.05 8.45 10.62
N ILE B 94 17.35 7.42 11.41
CA ILE B 94 17.54 6.08 10.86
C ILE B 94 16.16 5.43 10.91
N PRO B 95 15.69 4.82 9.83
CA PRO B 95 14.38 4.13 9.88
C PRO B 95 14.44 2.99 10.88
N LYS B 96 13.44 2.89 11.72
CA LYS B 96 13.54 1.79 12.67
C LYS B 96 13.10 0.46 12.06
N HIS B 97 12.20 0.49 11.07
CA HIS B 97 11.70 -0.73 10.42
C HIS B 97 11.78 -0.57 8.90
N ILE B 98 12.57 -1.43 8.23
CA ILE B 98 12.67 -1.44 6.78
C ILE B 98 11.99 -2.70 6.26
N ALA B 99 11.11 -2.55 5.28
CA ALA B 99 10.51 -3.67 4.56
C ALA B 99 11.27 -3.85 3.25
N LEU B 100 11.58 -5.11 2.89
CA LEU B 100 12.47 -5.41 1.77
C LEU B 100 11.79 -6.37 0.79
N ILE B 101 11.61 -5.95 -0.46
CA ILE B 101 11.18 -6.85 -1.53
C ILE B 101 12.42 -7.18 -2.37
N MET B 102 12.78 -8.47 -2.38
CA MET B 102 14.11 -8.97 -2.76
C MET B 102 14.10 -9.44 -4.22
N ASP B 103 13.73 -8.55 -5.13
CA ASP B 103 13.52 -8.90 -6.52
C ASP B 103 14.81 -8.81 -7.31
N GLY B 104 14.89 -9.60 -8.37
CA GLY B 104 16.03 -9.58 -9.27
C GLY B 104 16.92 -10.81 -9.23
N ASN B 105 16.61 -11.82 -8.41
CA ASN B 105 17.50 -12.98 -8.30
C ASN B 105 17.58 -13.76 -9.61
N ARG B 106 16.44 -13.95 -10.27
CA ARG B 106 16.43 -14.73 -11.52
C ARG B 106 17.17 -14.00 -12.64
N ARG B 107 16.86 -12.72 -12.84
CA ARG B 107 17.53 -11.94 -13.88
C ARG B 107 19.03 -11.84 -13.61
N TRP B 108 19.41 -11.73 -12.33
CA TRP B 108 20.83 -11.68 -12.01
C TRP B 108 21.54 -12.96 -12.43
N ALA B 109 20.94 -14.11 -12.13
CA ALA B 109 21.60 -15.38 -12.46
C ALA B 109 21.69 -15.55 -13.98
N LYS B 110 20.63 -15.18 -14.69
CA LYS B 110 20.66 -15.24 -16.15
C LYS B 110 21.76 -14.36 -16.73
N ALA B 111 21.91 -13.14 -16.21
CA ALA B 111 22.95 -12.22 -16.69
C ALA B 111 24.34 -12.75 -16.39
N LYS B 112 24.49 -13.54 -15.33
CA LYS B 112 25.76 -14.05 -14.86
C LYS B 112 26.14 -15.37 -15.52
N GLY B 113 25.25 -15.96 -16.32
CA GLY B 113 25.54 -17.23 -16.96
C GLY B 113 25.28 -18.43 -16.10
N LEU B 114 24.49 -18.28 -15.02
CA LEU B 114 24.21 -19.32 -14.05
C LEU B 114 22.78 -19.83 -14.22
N GLU B 115 22.48 -20.95 -13.56
CA GLU B 115 21.14 -21.49 -13.57
C GLU B 115 20.23 -20.69 -12.62
N VAL B 116 18.92 -20.88 -12.79
CA VAL B 116 17.93 -20.09 -12.06
C VAL B 116 18.13 -20.23 -10.55
N TYR B 117 18.46 -21.44 -10.09
CA TYR B 117 18.54 -21.68 -8.66
C TYR B 117 19.73 -20.98 -8.01
N GLU B 118 20.74 -20.60 -8.81
CA GLU B 118 21.93 -19.94 -8.28
C GLU B 118 21.59 -18.61 -7.61
N GLY B 119 20.66 -17.86 -8.19
CA GLY B 119 20.24 -16.61 -7.56
C GLY B 119 19.47 -16.84 -6.27
N HIS B 120 18.52 -17.78 -6.30
CA HIS B 120 17.73 -18.12 -5.11
C HIS B 120 18.62 -18.48 -3.93
N LYS B 121 19.64 -19.30 -4.15
CA LYS B 121 20.49 -19.80 -3.08
C LYS B 121 21.10 -18.68 -2.25
N LEU B 122 21.35 -17.53 -2.87
CA LEU B 122 22.01 -16.43 -2.17
C LEU B 122 21.15 -15.78 -1.09
N ILE B 123 19.87 -16.16 -0.92
CA ILE B 123 19.09 -15.54 0.15
C ILE B 123 19.79 -15.67 1.50
N ILE B 124 20.48 -16.78 1.73
CA ILE B 124 21.06 -17.02 3.05
C ILE B 124 22.24 -16.08 3.27
N PRO B 125 23.28 -16.05 2.41
CA PRO B 125 24.38 -15.09 2.65
C PRO B 125 23.94 -13.64 2.51
N LYS B 126 23.00 -13.36 1.61
CA LYS B 126 22.56 -11.98 1.42
C LYS B 126 21.85 -11.46 2.67
N LEU B 127 20.98 -12.25 3.29
CA LEU B 127 20.27 -11.75 4.47
C LEU B 127 21.18 -11.71 5.69
N LYS B 128 22.16 -12.61 5.78
CA LYS B 128 23.17 -12.43 6.81
C LYS B 128 23.91 -11.11 6.62
N GLU B 129 24.30 -10.79 5.37
CA GLU B 129 25.03 -9.56 5.11
C GLU B 129 24.19 -8.33 5.44
N ILE B 130 22.93 -8.33 5.04
CA ILE B 130 22.10 -7.15 5.27
C ILE B 130 21.74 -7.02 6.75
N CYS B 131 21.58 -8.15 7.46
CA CYS B 131 21.37 -8.09 8.91
C CYS B 131 22.57 -7.46 9.60
N ASP B 132 23.78 -7.85 9.21
CA ASP B 132 24.95 -7.24 9.83
C ASP B 132 25.03 -5.75 9.53
N ILE B 133 24.84 -5.35 8.27
CA ILE B 133 24.92 -3.91 7.96
C ILE B 133 23.85 -3.14 8.75
N SER B 134 22.63 -3.67 8.79
CA SER B 134 21.52 -2.97 9.43
C SER B 134 21.71 -2.84 10.93
N SER B 135 22.24 -3.88 11.56
CA SER B 135 22.52 -3.84 13.01
C SER B 135 23.49 -2.69 13.31
N LYS B 136 24.49 -2.52 12.45
CA LYS B 136 25.51 -1.48 12.70
C LYS B 136 24.90 -0.08 12.52
N LEU B 137 23.88 0.05 11.67
CA LEU B 137 23.33 1.40 11.40
C LEU B 137 22.22 1.73 12.40
N GLY B 138 21.81 0.76 13.20
CA GLY B 138 20.77 1.01 14.19
C GLY B 138 19.36 0.68 13.72
N ILE B 139 19.22 -0.04 12.62
CA ILE B 139 17.88 -0.47 12.21
C ILE B 139 17.39 -1.51 13.21
N GLN B 140 16.11 -1.44 13.59
CA GLN B 140 15.61 -2.35 14.61
C GLN B 140 14.84 -3.55 14.05
N VAL B 141 14.13 -3.40 12.92
CA VAL B 141 13.30 -4.47 12.37
C VAL B 141 13.50 -4.48 10.86
N ILE B 142 13.65 -5.67 10.27
CA ILE B 142 13.63 -5.86 8.82
C ILE B 142 12.57 -6.91 8.53
N THR B 143 11.63 -6.60 7.63
CA THR B 143 10.67 -7.59 7.18
C THR B 143 11.00 -7.87 5.72
N ALA B 144 11.34 -9.13 5.41
CA ALA B 144 11.82 -9.50 4.08
C ALA B 144 10.81 -10.43 3.41
N PHE B 145 10.44 -10.10 2.17
CA PHE B 145 9.42 -10.84 1.42
C PHE B 145 10.07 -12.06 0.74
N ALA B 146 10.00 -13.21 1.38
CA ALA B 146 10.70 -14.40 0.89
C ALA B 146 9.86 -15.25 -0.05
N PHE B 147 8.55 -15.34 0.19
CA PHE B 147 7.69 -16.21 -0.63
C PHE B 147 6.26 -15.67 -0.56
N SER B 148 5.75 -15.17 -1.69
CA SER B 148 4.40 -14.63 -1.76
C SER B 148 3.37 -15.75 -1.91
N THR B 149 2.12 -15.45 -1.55
CA THR B 149 1.04 -16.40 -1.78
C THR B 149 0.88 -16.73 -3.26
N GLU B 150 1.39 -15.88 -4.16
CA GLU B 150 1.34 -16.15 -5.60
C GLU B 150 2.51 -17.00 -6.09
N ASN B 151 3.55 -17.17 -5.29
CA ASN B 151 4.72 -17.96 -5.68
C ASN B 151 4.40 -19.45 -5.85
N TRP B 152 3.25 -19.91 -5.35
CA TRP B 152 2.82 -21.29 -5.60
C TRP B 152 2.54 -21.54 -7.07
N LYS B 153 2.41 -20.49 -7.87
CA LYS B 153 2.13 -20.65 -9.29
C LYS B 153 3.36 -21.02 -10.09
N ARG B 154 4.56 -20.93 -9.51
CA ARG B 154 5.75 -21.46 -10.16
C ARG B 154 5.69 -22.98 -10.24
N SER B 155 6.65 -23.56 -10.96
CA SER B 155 6.67 -25.01 -11.12
C SER B 155 6.85 -25.69 -9.78
N LYS B 156 6.30 -26.90 -9.66
CA LYS B 156 6.48 -27.66 -8.41
C LYS B 156 7.96 -27.90 -8.13
N GLU B 157 8.78 -28.06 -9.17
CA GLU B 157 10.21 -28.24 -8.97
C GLU B 157 10.84 -26.99 -8.34
N GLU B 158 10.46 -25.81 -8.82
CA GLU B 158 10.98 -24.59 -8.22
C GLU B 158 10.49 -24.41 -6.79
N VAL B 159 9.19 -24.65 -6.56
CA VAL B 159 8.64 -24.49 -5.22
C VAL B 159 9.27 -25.48 -4.25
N ASP B 160 9.49 -26.72 -4.70
CA ASP B 160 10.12 -27.71 -3.83
C ASP B 160 11.54 -27.30 -3.49
N PHE B 161 12.28 -26.74 -4.47
CA PHE B 161 13.63 -26.26 -4.19
C PHE B 161 13.61 -25.14 -3.17
N LEU B 162 12.69 -24.19 -3.33
CA LEU B 162 12.60 -23.07 -2.40
C LEU B 162 12.27 -23.55 -1.00
N MET B 163 11.35 -24.52 -0.88
CA MET B 163 10.96 -25.00 0.44
C MET B 163 12.15 -25.66 1.15
N GLN B 164 12.99 -26.38 0.41
CA GLN B 164 14.20 -26.96 1.01
C GLN B 164 15.20 -25.88 1.40
N LEU B 165 15.34 -24.85 0.55
CA LEU B 165 16.19 -23.71 0.84
C LEU B 165 15.74 -22.99 2.11
N PHE B 166 14.42 -22.81 2.29
CA PHE B 166 13.94 -22.12 3.49
C PHE B 166 14.25 -22.92 4.74
N GLU B 167 14.13 -24.25 4.66
CA GLU B 167 14.53 -25.08 5.79
C GLU B 167 16.01 -24.88 6.14
N GLU B 168 16.88 -24.86 5.12
CA GLU B 168 18.30 -24.59 5.36
C GLU B 168 18.51 -23.21 5.97
N PHE B 169 17.74 -22.21 5.50
CA PHE B 169 17.82 -20.86 6.05
C PHE B 169 17.52 -20.86 7.56
N PHE B 170 16.42 -21.50 7.98
CA PHE B 170 16.08 -21.43 9.39
C PHE B 170 17.07 -22.22 10.23
N ASN B 171 17.61 -23.32 9.70
CA ASN B 171 18.68 -24.02 10.42
C ASN B 171 19.89 -23.11 10.59
N GLU B 172 20.26 -22.37 9.53
CA GLU B 172 21.40 -21.45 9.56
C GLU B 172 21.19 -20.30 10.53
N PHE B 173 19.96 -19.85 10.71
CA PHE B 173 19.72 -18.71 11.59
C PHE B 173 19.44 -19.13 13.04
N LEU B 174 19.44 -20.43 13.33
CA LEU B 174 19.28 -20.90 14.71
C LEU B 174 20.29 -20.26 15.65
N ARG B 175 21.54 -20.14 15.21
CA ARG B 175 22.65 -19.66 16.02
C ARG B 175 23.22 -18.34 15.54
N PHE B 176 22.52 -17.65 14.63
CA PHE B 176 23.09 -16.45 14.06
C PHE B 176 23.04 -15.25 15.00
N GLY B 177 22.10 -15.22 15.95
CA GLY B 177 22.07 -14.19 16.97
C GLY B 177 21.02 -13.12 16.83
N VAL B 178 20.25 -13.08 15.74
CA VAL B 178 19.16 -12.11 15.62
C VAL B 178 17.87 -12.81 16.02
N ARG B 179 16.87 -12.01 16.40
CA ARG B 179 15.56 -12.58 16.70
C ARG B 179 14.85 -12.81 15.39
N VAL B 180 14.31 -14.02 15.18
CA VAL B 180 13.68 -14.37 13.90
C VAL B 180 12.21 -14.69 14.14
N SER B 181 11.32 -14.10 13.33
CA SER B 181 9.89 -14.43 13.33
C SER B 181 9.46 -14.66 11.90
N VAL B 182 8.36 -15.40 11.74
CA VAL B 182 7.82 -15.68 10.39
C VAL B 182 6.37 -15.27 10.35
N ILE B 183 5.96 -14.59 9.26
CA ILE B 183 4.56 -14.27 9.05
C ILE B 183 4.13 -14.95 7.74
N GLY B 184 2.87 -15.36 7.69
CA GLY B 184 2.35 -16.10 6.56
C GLY B 184 1.62 -17.35 7.00
N CYS B 185 1.04 -18.04 6.02
CA CYS B 185 0.20 -19.20 6.33
C CYS B 185 1.12 -20.40 6.47
N LYS B 186 1.32 -20.86 7.69
CA LYS B 186 2.30 -21.92 7.87
C LYS B 186 1.71 -23.30 7.66
N SER B 187 0.38 -23.46 7.79
CA SER B 187 -0.19 -24.79 7.74
C SER B 187 -0.13 -25.40 6.34
N ASN B 188 0.13 -24.59 5.31
CA ASN B 188 0.25 -25.05 3.94
C ASN B 188 1.68 -25.46 3.56
N LEU B 189 2.64 -25.28 4.45
CA LEU B 189 4.04 -25.59 4.24
C LEU B 189 4.33 -27.05 4.58
N PRO B 190 5.40 -27.62 4.03
CA PRO B 190 5.84 -28.95 4.46
C PRO B 190 6.01 -28.98 5.97
N MET B 191 5.64 -30.10 6.59
CA MET B 191 5.67 -30.20 8.05
C MET B 191 7.08 -30.01 8.62
N THR B 192 8.11 -30.57 7.98
CA THR B 192 9.44 -30.33 8.51
C THR B 192 9.76 -28.83 8.53
N LEU B 193 9.36 -28.10 7.49
CA LEU B 193 9.58 -26.65 7.48
C LEU B 193 8.77 -25.94 8.56
N GLN B 194 7.52 -26.35 8.77
CA GLN B 194 6.72 -25.77 9.86
C GLN B 194 7.45 -25.91 11.20
N LYS B 195 7.99 -27.09 11.47
CA LYS B 195 8.66 -27.29 12.76
C LYS B 195 10.03 -26.63 12.83
N CYS B 196 10.76 -26.54 11.70
CA CYS B 196 11.98 -25.74 11.71
C CYS B 196 11.69 -24.27 11.97
N ILE B 197 10.67 -23.72 11.33
CA ILE B 197 10.27 -22.35 11.61
C ILE B 197 9.96 -22.17 13.09
N ALA B 198 9.14 -23.06 13.64
CA ALA B 198 8.71 -22.94 15.03
C ALA B 198 9.91 -23.02 15.98
N LEU B 199 10.86 -23.91 15.68
CA LEU B 199 12.04 -24.06 16.54
C LEU B 199 12.91 -22.81 16.49
N THR B 200 13.12 -22.25 15.29
CA THR B 200 13.95 -21.05 15.20
C THR B 200 13.28 -19.87 15.87
N GLU B 201 11.96 -19.74 15.72
CA GLU B 201 11.25 -18.67 16.42
C GLU B 201 11.39 -18.80 17.93
N GLU B 202 11.22 -20.02 18.45
CA GLU B 202 11.31 -20.24 19.89
C GLU B 202 12.75 -20.04 20.38
N THR B 203 13.73 -20.56 19.64
CA THR B 203 15.12 -20.50 20.09
C THR B 203 15.64 -19.06 20.12
N THR B 204 15.22 -18.22 19.16
CA THR B 204 15.77 -16.88 19.04
C THR B 204 14.90 -15.82 19.69
N LYS B 205 13.80 -16.21 20.35
CA LYS B 205 12.83 -15.23 20.84
C LYS B 205 13.42 -14.28 21.88
N GLY B 206 14.48 -14.68 22.57
CA GLY B 206 15.14 -13.83 23.53
C GLY B 206 16.38 -13.12 23.03
N ASN B 207 16.70 -13.21 21.73
CA ASN B 207 17.87 -12.54 21.19
C ASN B 207 17.60 -11.04 21.20
N LYS B 208 18.62 -10.22 21.49
CA LYS B 208 18.32 -8.86 21.95
C LYS B 208 18.39 -7.74 20.89
N GLY B 209 19.05 -7.93 19.76
CA GLY B 209 19.09 -6.82 18.82
C GLY B 209 18.04 -6.81 17.71
N LEU B 210 18.53 -6.77 16.48
CA LEU B 210 17.65 -6.67 15.32
C LEU B 210 16.67 -7.82 15.29
N HIS B 211 15.45 -7.53 14.86
CA HIS B 211 14.38 -8.51 14.70
C HIS B 211 14.17 -8.70 13.20
N LEU B 212 14.43 -9.91 12.72
CA LEU B 212 14.27 -10.22 11.30
C LEU B 212 12.94 -10.97 11.13
N VAL B 213 12.03 -10.40 10.36
CA VAL B 213 10.74 -11.02 10.11
C VAL B 213 10.76 -11.55 8.68
N ILE B 214 10.54 -12.84 8.51
CA ILE B 214 10.51 -13.43 7.18
C ILE B 214 9.05 -13.62 6.81
N ALA B 215 8.64 -13.03 5.68
CA ALA B 215 7.30 -13.20 5.13
C ALA B 215 7.33 -14.37 4.16
N LEU B 216 6.71 -15.48 4.55
CA LEU B 216 6.84 -16.75 3.84
C LEU B 216 5.44 -17.33 3.70
N ASN B 217 4.99 -17.50 2.44
CA ASN B 217 3.58 -17.83 2.13
C ASN B 217 2.67 -16.75 2.68
N TYR B 218 3.05 -15.50 2.40
CA TYR B 218 2.42 -14.32 2.96
C TYR B 218 1.94 -13.41 1.83
N GLY B 219 0.87 -12.66 2.09
CA GLY B 219 0.46 -11.58 1.22
C GLY B 219 -0.36 -10.60 2.01
N GLY B 220 -0.47 -9.38 1.46
CA GLY B 220 -1.27 -8.35 2.13
C GLY B 220 -2.74 -8.73 2.22
N TYR B 221 -3.28 -9.29 1.13
CA TYR B 221 -4.66 -9.81 1.19
C TYR B 221 -4.79 -10.88 2.27
N TYR B 222 -3.87 -11.84 2.28
CA TYR B 222 -3.91 -12.90 3.28
C TYR B 222 -3.95 -12.34 4.70
N ASP B 223 -3.10 -11.34 4.99
CA ASP B 223 -3.03 -10.82 6.36
C ASP B 223 -4.36 -10.20 6.77
N ILE B 224 -4.94 -9.37 5.89
CA ILE B 224 -6.23 -8.72 6.18
C ILE B 224 -7.35 -9.74 6.30
N LEU B 225 -7.35 -10.78 5.45
CA LEU B 225 -8.41 -11.78 5.50
C LEU B 225 -8.31 -12.64 6.75
N GLN B 226 -7.11 -13.03 7.16
CA GLN B 226 -7.03 -13.86 8.36
C GLN B 226 -7.37 -13.06 9.62
N ALA B 227 -7.03 -11.76 9.63
CA ALA B 227 -7.44 -10.90 10.74
C ALA B 227 -8.96 -10.78 10.78
N THR B 228 -9.58 -10.60 9.62
CA THR B 228 -11.03 -10.53 9.54
C THR B 228 -11.67 -11.83 10.02
N LYS B 229 -11.17 -12.98 9.53
CA LYS B 229 -11.72 -14.25 9.98
C LYS B 229 -11.58 -14.45 11.49
N SER B 230 -10.42 -14.06 12.07
CA SER B 230 -10.23 -14.17 13.51
C SER B 230 -11.26 -13.35 14.28
N ILE B 231 -11.52 -12.12 13.82
CA ILE B 231 -12.51 -11.25 14.47
C ILE B 231 -13.91 -11.82 14.32
N VAL B 232 -14.24 -12.32 13.13
CA VAL B 232 -15.54 -12.99 12.96
C VAL B 232 -15.67 -14.16 13.93
N ASN B 233 -14.61 -14.98 14.04
CA ASN B 233 -14.70 -16.14 14.92
C ASN B 233 -14.94 -15.73 16.37
N LYS B 234 -14.22 -14.70 16.82
CA LYS B 234 -14.41 -14.23 18.20
C LYS B 234 -15.83 -13.73 18.40
N ALA B 235 -16.36 -12.98 17.44
CA ALA B 235 -17.74 -12.49 17.56
C ALA B 235 -18.74 -13.64 17.61
N MET B 236 -18.54 -14.65 16.77
CA MET B 236 -19.47 -15.79 16.69
C MET B 236 -19.39 -16.67 17.92
N ASN B 237 -18.26 -16.65 18.63
CA ASN B 237 -18.10 -17.44 19.83
C ASN B 237 -18.46 -16.67 21.09
N GLY B 238 -19.02 -15.47 20.95
CA GLY B 238 -19.45 -14.67 22.09
C GLY B 238 -18.35 -13.95 22.84
N LEU B 239 -17.15 -13.87 22.27
CA LEU B 239 -16.02 -13.30 22.97
C LEU B 239 -15.84 -11.82 22.70
N LEU B 240 -16.67 -11.22 21.85
CA LEU B 240 -16.42 -9.85 21.42
C LEU B 240 -17.72 -9.07 21.32
N ASP B 241 -17.69 -7.84 21.85
CA ASP B 241 -18.79 -6.90 21.63
C ASP B 241 -18.44 -6.23 20.30
N VAL B 242 -19.39 -6.24 19.36
CA VAL B 242 -19.09 -5.69 18.03
C VAL B 242 -18.75 -4.21 18.08
N GLU B 243 -19.20 -3.49 19.12
CA GLU B 243 -18.87 -2.08 19.21
C GLU B 243 -17.39 -1.86 19.49
N ASP B 244 -16.66 -2.90 19.90
CA ASP B 244 -15.23 -2.86 20.16
C ASP B 244 -14.36 -3.07 18.92
N ILE B 245 -14.94 -3.32 17.73
CA ILE B 245 -14.14 -3.53 16.53
C ILE B 245 -13.62 -2.18 16.05
N ASN B 246 -12.31 -1.97 16.18
CA ASN B 246 -11.69 -0.72 15.77
C ASN B 246 -10.29 -0.98 15.26
N LYS B 247 -9.57 0.11 14.94
CA LYS B 247 -8.22 -0.02 14.41
C LYS B 247 -7.30 -0.75 15.39
N ASN B 248 -7.40 -0.44 16.69
CA ASN B 248 -6.54 -1.12 17.66
C ASN B 248 -6.77 -2.61 17.67
N LEU B 249 -8.04 -3.04 17.68
CA LEU B 249 -8.34 -4.48 17.66
C LEU B 249 -7.81 -5.12 16.39
N PHE B 250 -8.03 -4.47 15.26
CA PHE B 250 -7.58 -5.04 13.99
C PHE B 250 -6.06 -5.21 13.98
N GLU B 251 -5.33 -4.22 14.51
CA GLU B 251 -3.88 -4.33 14.53
C GLU B 251 -3.38 -5.45 15.43
N GLN B 252 -4.15 -5.80 16.46
CA GLN B 252 -3.79 -6.93 17.30
C GLN B 252 -3.92 -8.25 16.55
N GLU B 253 -4.76 -8.29 15.51
CA GLU B 253 -4.98 -9.55 14.81
C GLU B 253 -4.09 -9.72 13.59
N LEU B 254 -3.58 -8.63 13.04
CA LEU B 254 -2.69 -8.73 11.90
C LEU B 254 -1.37 -9.36 12.31
N GLU B 255 -0.72 -10.02 11.34
CA GLU B 255 0.53 -10.74 11.62
C GLU B 255 1.75 -9.83 11.62
N SER B 256 1.81 -8.86 10.71
CA SER B 256 2.90 -7.88 10.73
C SER B 256 2.47 -6.76 11.67
N LYS B 257 3.27 -6.57 12.72
CA LYS B 257 2.86 -5.69 13.84
C LYS B 257 3.49 -4.29 13.85
N CYS B 258 2.82 -3.40 14.57
CA CYS B 258 3.40 -2.05 14.78
C CYS B 258 4.66 -2.23 15.61
N PRO B 259 5.73 -1.43 15.41
CA PRO B 259 5.67 -0.29 14.51
C PRO B 259 5.80 -0.69 13.04
N ASN B 260 5.00 -0.04 12.20
CA ASN B 260 4.99 -0.36 10.75
C ASN B 260 6.25 0.15 10.04
N PRO B 261 6.56 -0.38 8.84
CA PRO B 261 7.80 0.03 8.16
C PRO B 261 7.82 1.52 7.91
N ASP B 262 8.96 2.14 8.22
CA ASP B 262 9.19 3.54 7.84
C ASP B 262 9.61 3.64 6.38
N LEU B 263 10.27 2.59 5.87
CA LEU B 263 10.87 2.61 4.54
C LEU B 263 10.68 1.24 3.91
N LEU B 264 10.24 1.21 2.66
CA LEU B 264 10.19 -0.02 1.87
C LEU B 264 11.22 0.11 0.76
N ILE B 265 12.06 -0.91 0.60
CA ILE B 265 13.07 -0.95 -0.46
C ILE B 265 12.70 -2.11 -1.38
N ARG B 266 12.54 -1.84 -2.66
CA ARG B 266 12.35 -2.93 -3.62
C ARG B 266 13.47 -2.87 -4.64
N THR B 267 14.23 -3.94 -4.75
CA THR B 267 15.28 -4.05 -5.76
C THR B 267 14.68 -4.58 -7.07
N GLY B 268 15.43 -4.40 -8.16
CA GLY B 268 15.06 -4.98 -9.44
C GLY B 268 14.28 -4.08 -10.38
N GLY B 269 13.90 -2.89 -9.93
CA GLY B 269 13.37 -1.85 -10.79
C GLY B 269 11.86 -1.72 -10.86
N GLU B 270 11.09 -2.70 -10.41
CA GLU B 270 9.64 -2.56 -10.51
C GLU B 270 9.13 -1.61 -9.44
N GLN B 271 8.14 -0.78 -9.79
CA GLN B 271 7.66 0.28 -8.92
C GLN B 271 6.23 -0.04 -8.45
N ARG B 272 6.10 -1.18 -7.76
CA ARG B 272 4.83 -1.62 -7.18
C ARG B 272 5.15 -2.41 -5.93
N VAL B 273 4.12 -2.69 -5.13
CA VAL B 273 4.35 -3.44 -3.89
C VAL B 273 3.96 -4.92 -4.01
N SER B 274 3.25 -5.30 -5.08
CA SER B 274 2.99 -6.71 -5.40
C SER B 274 2.42 -7.48 -4.20
N ASN B 275 1.42 -6.88 -3.55
CA ASN B 275 0.66 -7.59 -2.49
C ASN B 275 1.54 -8.04 -1.32
N PHE B 276 2.50 -7.19 -0.93
CA PHE B 276 3.29 -7.33 0.28
C PHE B 276 2.43 -6.73 1.40
N LEU B 277 2.95 -5.85 2.24
CA LEU B 277 2.32 -5.44 3.50
C LEU B 277 1.29 -4.30 3.40
N LEU B 278 0.09 -4.59 2.88
CA LEU B 278 -0.83 -3.53 2.43
C LEU B 278 -1.26 -2.59 3.55
N TRP B 279 -1.88 -3.12 4.62
CA TRP B 279 -2.32 -2.28 5.73
C TRP B 279 -1.14 -1.53 6.34
N GLN B 280 -0.01 -2.21 6.46
CA GLN B 280 1.13 -1.70 7.20
C GLN B 280 1.91 -0.65 6.41
N LEU B 281 1.60 -0.43 5.13
CA LEU B 281 2.36 0.51 4.30
C LEU B 281 1.69 1.87 4.14
N ALA B 282 0.69 2.17 4.99
CA ALA B 282 -0.14 3.35 4.80
C ALA B 282 0.69 4.64 4.79
N TYR B 283 1.75 4.71 5.59
CA TYR B 283 2.56 5.92 5.67
C TYR B 283 4.02 5.67 5.35
N THR B 284 4.34 4.48 4.80
CA THR B 284 5.72 4.11 4.51
C THR B 284 6.30 4.89 3.34
N GLU B 285 7.60 5.24 3.41
CA GLU B 285 8.29 5.81 2.25
C GLU B 285 8.66 4.68 1.27
N PHE B 286 8.39 4.89 -0.01
CA PHE B 286 8.73 3.90 -1.05
C PHE B 286 10.05 4.26 -1.74
N TYR B 287 10.97 3.31 -1.77
CA TYR B 287 12.26 3.48 -2.44
C TYR B 287 12.45 2.35 -3.44
N PHE B 288 12.54 2.68 -4.73
CA PHE B 288 12.72 1.70 -5.78
C PHE B 288 14.09 1.86 -6.41
N THR B 289 14.80 0.75 -6.61
CA THR B 289 16.13 0.80 -7.24
C THR B 289 16.26 -0.28 -8.30
N ASN B 290 16.96 0.05 -9.41
CA ASN B 290 17.21 -0.94 -10.46
C ASN B 290 18.25 -1.98 -10.06
N THR B 291 19.05 -1.72 -9.02
CA THR B 291 20.01 -2.70 -8.53
C THR B 291 19.33 -4.04 -8.25
N LEU B 292 19.92 -5.13 -8.76
CA LEU B 292 19.35 -6.46 -8.51
C LEU B 292 19.74 -6.93 -7.11
N PHE B 293 18.84 -7.69 -6.47
CA PHE B 293 19.07 -8.02 -5.07
C PHE B 293 20.43 -8.64 -4.79
N PRO B 294 20.97 -9.58 -5.57
CA PRO B 294 22.28 -10.14 -5.22
C PRO B 294 23.40 -9.10 -5.25
N ASP B 295 23.17 -7.97 -5.91
CA ASP B 295 24.14 -6.89 -5.98
C ASP B 295 23.89 -5.81 -4.93
N PHE B 296 22.82 -5.93 -4.14
CA PHE B 296 22.45 -4.90 -3.18
C PHE B 296 23.28 -5.08 -1.90
N GLY B 297 24.18 -4.15 -1.65
CA GLY B 297 25.08 -4.30 -0.51
C GLY B 297 25.11 -3.08 0.38
N GLU B 298 26.21 -2.93 1.13
CA GLU B 298 26.23 -1.88 2.15
C GLU B 298 26.04 -0.50 1.54
N LYS B 299 26.71 -0.21 0.42
CA LYS B 299 26.62 1.17 -0.16
C LYS B 299 25.21 1.46 -0.67
N ASP B 300 24.58 0.46 -1.27
CA ASP B 300 23.20 0.64 -1.79
C ASP B 300 22.22 0.84 -0.64
N LEU B 301 22.43 0.12 0.46
CA LEU B 301 21.53 0.31 1.60
C LEU B 301 21.73 1.68 2.23
N LYS B 302 22.98 2.13 2.32
CA LYS B 302 23.25 3.46 2.85
C LYS B 302 22.67 4.54 1.95
N LYS B 303 22.73 4.33 0.63
CA LYS B 303 22.11 5.28 -0.30
C LYS B 303 20.61 5.39 -0.07
N ALA B 304 19.96 4.24 0.16
CA ALA B 304 18.52 4.23 0.41
C ALA B 304 18.18 4.97 1.69
N ILE B 305 18.98 4.74 2.73
CA ILE B 305 18.75 5.41 4.00
C ILE B 305 19.02 6.89 3.86
N LEU B 306 20.07 7.24 3.12
CA LEU B 306 20.38 8.65 2.96
C LEU B 306 19.23 9.39 2.27
N ASN B 307 18.63 8.74 1.27
CA ASN B 307 17.49 9.26 0.55
C ASN B 307 16.27 9.41 1.46
N PHE B 308 16.01 8.42 2.33
CA PHE B 308 14.94 8.52 3.32
C PHE B 308 15.14 9.75 4.21
N GLN B 309 16.36 10.00 4.64
CA GLN B 309 16.61 11.13 5.54
C GLN B 309 16.36 12.46 4.83
N GLN B 310 16.77 12.55 3.57
CA GLN B 310 16.55 13.79 2.82
C GLN B 310 15.06 14.04 2.61
N ARG B 311 14.27 12.98 2.36
CA ARG B 311 12.82 13.18 2.27
C ARG B 311 12.25 13.68 3.58
N HIS B 312 12.77 13.19 4.70
CA HIS B 312 12.29 13.68 5.99
C HIS B 312 12.59 15.16 6.17
N ARG B 313 13.78 15.60 5.73
CA ARG B 313 14.09 17.02 5.83
C ARG B 313 13.17 17.84 4.95
N ARG B 314 12.80 17.30 3.79
CA ARG B 314 12.02 18.05 2.81
C ARG B 314 10.55 18.14 3.22
N PHE B 315 10.01 17.06 3.72
CA PHE B 315 8.59 17.00 4.01
C PHE B 315 8.33 16.79 5.50
#